data_1WVX
#
_entry.id   1WVX
#
_cell.length_a   77.337
_cell.length_b   108.869
_cell.length_c   50.186
_cell.angle_alpha   90.00
_cell.angle_beta   90.00
_cell.angle_gamma   90.00
#
_symmetry.space_group_name_H-M   'P 21 21 21'
#
loop_
_entity.id
_entity.type
_entity.pdbx_description
1 polymer 'Death-associated protein kinase 1'
2 non-polymer 6-(3-AMINOPROPYL)-4,9-DIMETHYLPYRROLO[3,4-C]CARBAZOLE-1,3(2H,6H)-DIONE
3 water water
#
_entity_poly.entity_id   1
_entity_poly.type   'polypeptide(L)'
_entity_poly.pdbx_seq_one_letter_code
;MTVFRQENVDDYYDTGEELGSGQFAVVKKCREKSTGLQYAAKFIKKRRTKSSRRGVSREDIEREVSILKEIQHPNVITLH
EVYENKTDVILILELVAGGELFDFLAEKESLTEEEATEFLKQILNGVYYLHSLQIAHFDLKPENIMLLDRNVPKPRIKII
DFGLAHKIDFGNEFKNIFGTPEFVAPEIVNYEPLGLEADMWSIGVITYILLSGASPFLGDTKQETLANVSAVNYEFEDEY
FSNTSALAKDFIRRLLVKDPKKRMTIQDSLQHPWIKPK
;
_entity_poly.pdbx_strand_id   A
#
# COMPACT_ATOMS: atom_id res chain seq x y z
N THR A 2 -9.77 21.83 6.78
CA THR A 2 -10.57 21.96 5.54
C THR A 2 -12.00 21.44 5.77
N VAL A 3 -12.98 22.13 5.19
CA VAL A 3 -14.37 21.74 5.35
C VAL A 3 -14.80 20.67 4.37
N PHE A 4 -15.42 19.62 4.88
CA PHE A 4 -15.88 18.54 4.05
C PHE A 4 -17.39 18.58 3.90
N ARG A 5 -17.94 17.69 3.09
CA ARG A 5 -19.38 17.65 2.86
C ARG A 5 -20.09 17.40 4.18
N GLN A 6 -21.02 18.30 4.53
CA GLN A 6 -21.75 18.18 5.77
C GLN A 6 -23.06 17.42 5.69
N GLU A 7 -23.55 17.15 4.48
CA GLU A 7 -24.80 16.41 4.35
C GLU A 7 -24.59 14.96 4.79
N ASN A 8 -25.65 14.30 5.25
CA ASN A 8 -25.52 12.92 5.70
C ASN A 8 -25.21 11.95 4.54
N VAL A 9 -24.07 11.27 4.64
CA VAL A 9 -23.66 10.34 3.61
C VAL A 9 -24.80 9.38 3.21
N ASP A 10 -25.67 9.05 4.16
CA ASP A 10 -26.77 8.13 3.90
C ASP A 10 -27.90 8.74 3.08
N ASP A 11 -27.77 10.02 2.76
CA ASP A 11 -28.76 10.71 1.95
C ASP A 11 -28.42 10.55 0.48
N TYR A 12 -27.12 10.40 0.18
CA TYR A 12 -26.69 10.23 -1.20
C TYR A 12 -26.23 8.82 -1.50
N TYR A 13 -25.94 8.03 -0.46
CA TYR A 13 -25.50 6.65 -0.67
C TYR A 13 -26.28 5.60 0.08
N ASP A 14 -26.29 4.40 -0.47
CA ASP A 14 -26.94 3.27 0.17
C ASP A 14 -25.85 2.36 0.72
N THR A 15 -25.43 2.62 1.95
CA THR A 15 -24.38 1.83 2.60
C THR A 15 -24.82 0.39 2.78
N GLY A 16 -23.86 -0.53 2.72
CA GLY A 16 -24.22 -1.92 2.89
C GLY A 16 -23.13 -2.77 3.48
N GLU A 17 -22.96 -3.94 2.88
CA GLU A 17 -21.97 -4.92 3.28
C GLU A 17 -20.64 -4.31 3.76
N GLU A 18 -19.95 -5.01 4.65
CA GLU A 18 -18.66 -4.55 5.16
C GLU A 18 -17.51 -5.29 4.46
N LEU A 19 -16.54 -4.54 3.97
CA LEU A 19 -15.39 -5.10 3.24
C LEU A 19 -14.16 -5.37 4.13
N GLY A 20 -13.99 -4.57 5.18
CA GLY A 20 -12.86 -4.75 6.07
C GLY A 20 -12.91 -3.83 7.26
N SER A 21 -12.13 -4.16 8.30
CA SER A 21 -12.08 -3.38 9.53
C SER A 21 -10.68 -3.12 10.02
N GLY A 22 -10.50 -1.95 10.60
CA GLY A 22 -9.20 -1.57 11.14
C GLY A 22 -9.43 -1.01 12.52
N GLN A 23 -8.35 -0.70 13.20
CA GLN A 23 -8.46 -0.17 14.55
C GLN A 23 -9.29 1.11 14.61
N PHE A 24 -9.12 2.00 13.65
CA PHE A 24 -9.87 3.24 13.69
C PHE A 24 -10.68 3.51 12.44
N ALA A 25 -11.04 2.45 11.72
CA ALA A 25 -11.79 2.63 10.50
C ALA A 25 -12.50 1.38 10.05
N VAL A 26 -13.59 1.56 9.32
CA VAL A 26 -14.35 0.46 8.77
C VAL A 26 -14.75 0.84 7.35
N VAL A 27 -14.54 -0.08 6.40
CA VAL A 27 -14.88 0.16 5.01
C VAL A 27 -16.06 -0.72 4.58
N LYS A 28 -17.15 -0.05 4.22
CA LYS A 28 -18.38 -0.69 3.79
C LYS A 28 -18.61 -0.43 2.29
N LYS A 29 -19.24 -1.38 1.61
CA LYS A 29 -19.54 -1.20 0.20
C LYS A 29 -20.73 -0.26 0.14
N CYS A 30 -20.83 0.58 -0.89
CA CYS A 30 -21.99 1.47 -0.99
C CYS A 30 -22.40 1.74 -2.45
N ARG A 31 -23.59 2.29 -2.63
CA ARG A 31 -24.12 2.60 -3.95
C ARG A 31 -24.60 4.05 -3.96
N GLU A 32 -24.09 4.84 -4.90
CA GLU A 32 -24.47 6.24 -5.01
C GLU A 32 -25.87 6.29 -5.60
N LYS A 33 -26.77 6.98 -4.91
CA LYS A 33 -28.15 7.06 -5.33
C LYS A 33 -28.37 7.73 -6.68
N SER A 34 -27.68 8.82 -6.94
CA SER A 34 -27.84 9.52 -8.21
C SER A 34 -27.36 8.77 -9.45
N THR A 35 -26.30 7.99 -9.32
CA THR A 35 -25.75 7.27 -10.46
C THR A 35 -25.97 5.77 -10.40
N GLY A 36 -26.24 5.27 -9.20
CA GLY A 36 -26.43 3.85 -9.06
C GLY A 36 -25.08 3.15 -9.12
N LEU A 37 -24.02 3.93 -8.99
CA LEU A 37 -22.68 3.34 -9.05
C LEU A 37 -22.18 2.87 -7.69
N GLN A 38 -21.40 1.80 -7.70
CA GLN A 38 -20.86 1.22 -6.48
C GLN A 38 -19.54 1.87 -6.12
N TYR A 39 -19.36 2.14 -4.83
CA TYR A 39 -18.13 2.72 -4.32
C TYR A 39 -17.76 2.04 -3.02
N ALA A 40 -16.69 2.52 -2.40
CA ALA A 40 -16.25 1.98 -1.13
C ALA A 40 -16.37 3.12 -0.13
N ALA A 41 -16.97 2.85 1.02
CA ALA A 41 -17.11 3.88 2.04
C ALA A 41 -16.16 3.60 3.20
N LYS A 42 -15.17 4.46 3.41
CA LYS A 42 -14.23 4.25 4.52
C LYS A 42 -14.60 5.18 5.67
N PHE A 43 -15.06 4.61 6.78
CA PHE A 43 -15.45 5.43 7.92
C PHE A 43 -14.32 5.57 8.93
N ILE A 44 -13.66 6.72 8.89
CA ILE A 44 -12.56 6.99 9.79
C ILE A 44 -13.10 7.67 11.04
N LYS A 45 -12.75 7.12 12.20
CA LYS A 45 -13.21 7.67 13.46
C LYS A 45 -12.31 8.84 13.82
N LYS A 46 -12.92 10.00 14.05
CA LYS A 46 -12.17 11.19 14.42
C LYS A 46 -11.77 11.01 15.87
N ARG A 47 -10.64 11.62 16.23
CA ARG A 47 -10.12 11.58 17.59
C ARG A 47 -10.99 12.56 18.39
N ARG A 48 -11.16 13.75 17.82
CA ARG A 48 -11.95 14.85 18.40
C ARG A 48 -11.68 15.15 19.87
N THR A 49 -10.47 14.84 20.31
CA THR A 49 -10.04 15.09 21.67
C THR A 49 -8.59 14.67 21.78
N LYS A 50 -7.70 15.66 21.74
CA LYS A 50 -6.26 15.42 21.80
C LYS A 50 -5.81 14.31 22.73
N SER A 51 -6.16 14.42 24.00
CA SER A 51 -5.76 13.44 25.01
C SER A 51 -6.10 12.00 24.60
N SER A 52 -7.24 11.82 23.94
CA SER A 52 -7.67 10.49 23.53
C SER A 52 -6.72 9.81 22.56
N ARG A 53 -6.43 8.54 22.83
CA ARG A 53 -5.54 7.76 21.99
C ARG A 53 -6.35 6.89 21.02
N ARG A 54 -7.65 7.15 20.98
CA ARG A 54 -8.55 6.45 20.08
C ARG A 54 -8.81 7.40 18.92
N GLY A 55 -9.29 6.86 17.80
CA GLY A 55 -9.54 7.72 16.65
C GLY A 55 -8.28 8.28 16.03
N VAL A 56 -8.43 8.84 14.85
CA VAL A 56 -7.32 9.42 14.13
C VAL A 56 -7.35 10.93 14.25
N SER A 57 -6.17 11.54 14.32
CA SER A 57 -6.09 12.98 14.44
C SER A 57 -6.53 13.65 13.13
N ARG A 58 -7.04 14.87 13.24
CA ARG A 58 -7.51 15.63 12.08
C ARG A 58 -6.34 15.80 11.10
N GLU A 59 -5.17 16.14 11.62
CA GLU A 59 -3.99 16.34 10.81
C GLU A 59 -3.72 15.13 9.92
N ASP A 60 -3.83 13.93 10.50
CA ASP A 60 -3.60 12.68 9.78
C ASP A 60 -4.66 12.44 8.70
N ILE A 61 -5.91 12.73 9.01
CA ILE A 61 -6.99 12.55 8.05
C ILE A 61 -6.78 13.56 6.92
N GLU A 62 -6.61 14.82 7.31
CA GLU A 62 -6.42 15.91 6.37
C GLU A 62 -5.33 15.56 5.35
N ARG A 63 -4.25 14.94 5.83
CA ARG A 63 -3.14 14.56 4.97
C ARG A 63 -3.50 13.47 3.97
N GLU A 64 -4.20 12.43 4.42
CA GLU A 64 -4.58 11.35 3.54
C GLU A 64 -5.49 11.89 2.43
N VAL A 65 -6.45 12.72 2.84
CA VAL A 65 -7.39 13.30 1.91
C VAL A 65 -6.61 14.16 0.92
N SER A 66 -5.71 14.98 1.47
CA SER A 66 -4.88 15.86 0.69
C SER A 66 -4.12 15.08 -0.40
N ILE A 67 -3.40 14.03 0.00
CA ILE A 67 -2.67 13.25 -0.97
C ILE A 67 -3.62 12.58 -1.95
N LEU A 68 -4.67 11.96 -1.42
CA LEU A 68 -5.64 11.28 -2.25
C LEU A 68 -6.20 12.20 -3.33
N LYS A 69 -6.53 13.42 -2.95
CA LYS A 69 -7.10 14.40 -3.87
C LYS A 69 -6.13 14.67 -5.04
N GLU A 70 -4.84 14.61 -4.77
CA GLU A 70 -3.82 14.87 -5.77
C GLU A 70 -3.51 13.69 -6.70
N ILE A 71 -3.96 12.50 -6.32
CA ILE A 71 -3.72 11.29 -7.11
C ILE A 71 -4.73 11.04 -8.22
N GLN A 72 -4.21 10.59 -9.35
CA GLN A 72 -5.04 10.30 -10.51
C GLN A 72 -4.24 9.39 -11.42
N HIS A 73 -4.26 8.09 -11.16
CA HIS A 73 -3.50 7.13 -11.96
C HIS A 73 -4.20 5.77 -12.01
N PRO A 74 -4.08 5.06 -13.14
CA PRO A 74 -4.71 3.75 -13.29
C PRO A 74 -4.37 2.72 -12.20
N ASN A 75 -3.19 2.78 -11.63
CA ASN A 75 -2.83 1.78 -10.62
C ASN A 75 -2.97 2.28 -9.20
N VAL A 76 -3.72 3.35 -9.03
CA VAL A 76 -3.93 3.90 -7.71
C VAL A 76 -5.43 4.14 -7.49
N ILE A 77 -5.88 3.88 -6.27
CA ILE A 77 -7.29 4.06 -5.90
C ILE A 77 -7.61 5.56 -6.00
N THR A 78 -8.79 5.89 -6.52
CA THR A 78 -9.18 7.28 -6.68
C THR A 78 -10.23 7.67 -5.63
N LEU A 79 -10.06 8.84 -5.04
CA LEU A 79 -10.99 9.34 -4.03
C LEU A 79 -12.20 9.97 -4.70
N HIS A 80 -13.40 9.55 -4.34
CA HIS A 80 -14.59 10.12 -4.98
C HIS A 80 -15.13 11.34 -4.24
N GLU A 81 -15.49 11.18 -2.97
CA GLU A 81 -15.99 12.29 -2.19
C GLU A 81 -15.56 12.14 -0.73
N VAL A 82 -15.74 13.21 0.04
CA VAL A 82 -15.38 13.18 1.45
C VAL A 82 -16.48 13.85 2.28
N TYR A 83 -17.08 13.09 3.19
CA TYR A 83 -18.12 13.62 4.08
C TYR A 83 -17.60 13.54 5.50
N GLU A 84 -18.29 14.23 6.41
CA GLU A 84 -17.94 14.19 7.83
C GLU A 84 -19.11 14.59 8.69
N ASN A 85 -19.17 14.01 9.88
CA ASN A 85 -20.23 14.33 10.82
C ASN A 85 -19.55 14.55 12.15
N LYS A 86 -20.28 14.31 13.24
CA LYS A 86 -19.73 14.55 14.57
C LYS A 86 -18.66 13.58 15.03
N THR A 87 -18.70 12.36 14.53
CA THR A 87 -17.76 11.32 14.94
C THR A 87 -16.86 10.78 13.83
N ASP A 88 -17.33 10.81 12.59
CA ASP A 88 -16.54 10.25 11.50
C ASP A 88 -16.25 11.17 10.32
N VAL A 89 -15.24 10.76 9.53
CA VAL A 89 -14.86 11.43 8.31
C VAL A 89 -15.05 10.26 7.33
N ILE A 90 -15.99 10.40 6.40
CA ILE A 90 -16.26 9.34 5.45
C ILE A 90 -15.66 9.60 4.08
N LEU A 91 -14.77 8.71 3.67
CA LEU A 91 -14.11 8.81 2.38
C LEU A 91 -14.76 7.85 1.41
N ILE A 92 -15.45 8.39 0.39
CA ILE A 92 -16.08 7.54 -0.62
C ILE A 92 -15.01 7.26 -1.65
N LEU A 93 -14.43 6.07 -1.57
CA LEU A 93 -13.36 5.65 -2.46
C LEU A 93 -13.82 4.73 -3.57
N GLU A 94 -12.99 4.64 -4.61
CA GLU A 94 -13.25 3.78 -5.75
C GLU A 94 -13.30 2.36 -5.22
N LEU A 95 -14.12 1.55 -5.86
CA LEU A 95 -14.29 0.17 -5.44
C LEU A 95 -13.45 -0.82 -6.25
N VAL A 96 -12.58 -1.54 -5.56
CA VAL A 96 -11.76 -2.56 -6.19
C VAL A 96 -12.42 -3.90 -5.85
N ALA A 97 -13.50 -4.18 -6.56
CA ALA A 97 -14.28 -5.39 -6.36
C ALA A 97 -13.45 -6.67 -6.49
N GLY A 98 -12.28 -6.57 -7.11
CA GLY A 98 -11.45 -7.75 -7.27
C GLY A 98 -10.83 -8.23 -5.96
N GLY A 99 -10.89 -7.40 -4.93
CA GLY A 99 -10.31 -7.76 -3.66
C GLY A 99 -8.79 -7.75 -3.69
N GLU A 100 -8.16 -8.52 -2.80
CA GLU A 100 -6.71 -8.57 -2.72
C GLU A 100 -6.07 -9.44 -3.80
N LEU A 101 -5.02 -8.92 -4.44
CA LEU A 101 -4.30 -9.63 -5.50
C LEU A 101 -3.82 -10.97 -5.01
N PHE A 102 -3.35 -11.02 -3.77
CA PHE A 102 -2.85 -12.26 -3.21
C PHE A 102 -3.93 -13.28 -2.91
N ASP A 103 -5.17 -12.84 -2.79
CA ASP A 103 -6.26 -13.79 -2.55
C ASP A 103 -6.65 -14.39 -3.88
N PHE A 104 -6.59 -13.57 -4.91
CA PHE A 104 -6.90 -13.99 -6.26
C PHE A 104 -5.86 -14.98 -6.76
N LEU A 105 -4.61 -14.70 -6.43
CA LEU A 105 -3.50 -15.56 -6.82
C LEU A 105 -3.56 -16.91 -6.13
N ALA A 106 -4.03 -16.90 -4.88
CA ALA A 106 -4.14 -18.13 -4.11
C ALA A 106 -5.22 -19.04 -4.70
N GLU A 107 -6.09 -18.47 -5.53
CA GLU A 107 -7.15 -19.25 -6.14
C GLU A 107 -6.77 -19.79 -7.51
N LYS A 108 -5.53 -19.60 -7.93
CA LYS A 108 -5.11 -20.10 -9.23
C LYS A 108 -3.84 -20.93 -9.12
N GLU A 109 -3.50 -21.64 -10.20
CA GLU A 109 -2.29 -22.45 -10.23
C GLU A 109 -1.13 -21.47 -10.19
N SER A 110 -0.01 -21.89 -9.59
CA SER A 110 1.17 -21.03 -9.49
C SER A 110 1.45 -20.24 -10.77
N LEU A 111 1.56 -18.92 -10.63
CA LEU A 111 1.85 -18.03 -11.76
C LEU A 111 3.27 -18.27 -12.23
N THR A 112 3.50 -18.15 -13.53
CA THR A 112 4.85 -18.30 -14.05
C THR A 112 5.56 -17.03 -13.62
N GLU A 113 6.88 -17.06 -13.58
CA GLU A 113 7.63 -15.89 -13.18
C GLU A 113 7.28 -14.71 -14.07
N GLU A 114 6.97 -14.98 -15.33
CA GLU A 114 6.61 -13.94 -16.29
C GLU A 114 5.28 -13.31 -15.93
N GLU A 115 4.29 -14.15 -15.62
CA GLU A 115 2.97 -13.67 -15.23
C GLU A 115 3.02 -12.87 -13.93
N ALA A 116 3.89 -13.31 -13.01
CA ALA A 116 4.06 -12.61 -11.73
C ALA A 116 4.58 -11.22 -12.02
N THR A 117 5.48 -11.13 -13.00
CA THR A 117 6.08 -9.86 -13.38
C THR A 117 5.03 -8.92 -13.97
N GLU A 118 4.02 -9.50 -14.61
CA GLU A 118 2.95 -8.72 -15.21
C GLU A 118 2.28 -7.86 -14.12
N PHE A 119 2.01 -8.48 -12.98
CA PHE A 119 1.37 -7.77 -11.87
C PHE A 119 2.33 -6.78 -11.22
N LEU A 120 3.55 -7.23 -10.94
CA LEU A 120 4.54 -6.39 -10.29
C LEU A 120 4.77 -5.08 -11.05
N LYS A 121 4.75 -5.16 -12.38
CA LYS A 121 4.96 -3.98 -13.20
C LYS A 121 3.89 -2.93 -12.94
N GLN A 122 2.65 -3.38 -12.81
CA GLN A 122 1.55 -2.48 -12.52
C GLN A 122 1.84 -1.77 -11.20
N ILE A 123 2.28 -2.54 -10.21
CA ILE A 123 2.60 -1.96 -8.93
C ILE A 123 3.66 -0.88 -9.15
N LEU A 124 4.71 -1.23 -9.88
CA LEU A 124 5.78 -0.28 -10.15
C LEU A 124 5.22 0.99 -10.81
N ASN A 125 4.36 0.83 -11.80
CA ASN A 125 3.79 2.00 -12.47
C ASN A 125 3.15 2.95 -11.49
N GLY A 126 2.32 2.41 -10.62
CA GLY A 126 1.66 3.24 -9.63
C GLY A 126 2.69 3.91 -8.72
N VAL A 127 3.67 3.14 -8.25
CA VAL A 127 4.64 3.75 -7.38
C VAL A 127 5.47 4.77 -8.15
N TYR A 128 5.63 4.52 -9.45
CA TYR A 128 6.38 5.44 -10.30
C TYR A 128 5.65 6.76 -10.33
N TYR A 129 4.33 6.69 -10.40
CA TYR A 129 3.53 7.89 -10.41
C TYR A 129 3.67 8.61 -9.08
N LEU A 130 3.50 7.86 -8.00
CA LEU A 130 3.58 8.43 -6.67
C LEU A 130 4.92 9.09 -6.39
N HIS A 131 6.01 8.40 -6.68
CA HIS A 131 7.31 9.01 -6.42
C HIS A 131 7.57 10.18 -7.35
N SER A 132 6.99 10.13 -8.55
CA SER A 132 7.19 11.23 -9.47
C SER A 132 6.53 12.46 -8.88
N LEU A 133 5.54 12.23 -8.00
CA LEU A 133 4.88 13.34 -7.35
C LEU A 133 5.48 13.54 -5.95
N GLN A 134 6.66 12.98 -5.71
CA GLN A 134 7.32 13.14 -4.41
C GLN A 134 6.47 12.65 -3.23
N ILE A 135 5.62 11.67 -3.49
CA ILE A 135 4.75 11.10 -2.48
C ILE A 135 5.17 9.69 -2.12
N ALA A 136 5.41 9.45 -0.84
CA ALA A 136 5.78 8.11 -0.42
C ALA A 136 4.55 7.49 0.21
N HIS A 137 4.27 6.25 -0.17
CA HIS A 137 3.13 5.52 0.34
C HIS A 137 3.36 5.16 1.82
N PHE A 138 4.55 4.63 2.12
CA PHE A 138 4.95 4.25 3.48
C PHE A 138 4.18 3.09 4.10
N ASP A 139 3.46 2.33 3.29
CA ASP A 139 2.72 1.20 3.84
C ASP A 139 2.38 0.21 2.73
N LEU A 140 3.36 -0.03 1.88
CA LEU A 140 3.17 -0.96 0.79
C LEU A 140 3.29 -2.36 1.36
N LYS A 141 2.32 -3.21 1.06
CA LYS A 141 2.33 -4.57 1.55
C LYS A 141 1.21 -5.28 0.81
N PRO A 142 1.35 -6.59 0.62
CA PRO A 142 0.35 -7.39 -0.08
C PRO A 142 -1.10 -6.97 0.12
N GLU A 143 -1.53 -6.88 1.37
CA GLU A 143 -2.90 -6.48 1.66
C GLU A 143 -3.33 -5.16 1.03
N ASN A 144 -2.36 -4.32 0.69
CA ASN A 144 -2.69 -3.05 0.07
C ASN A 144 -2.65 -3.07 -1.46
N ILE A 145 -2.43 -4.26 -2.01
CA ILE A 145 -2.40 -4.43 -3.46
C ILE A 145 -3.75 -5.07 -3.87
N MET A 146 -4.70 -4.23 -4.26
CA MET A 146 -6.03 -4.69 -4.66
C MET A 146 -6.22 -4.85 -6.17
N LEU A 147 -7.34 -5.47 -6.54
CA LEU A 147 -7.69 -5.70 -7.93
C LEU A 147 -9.02 -5.03 -8.26
N LEU A 148 -9.05 -4.28 -9.35
CA LEU A 148 -10.26 -3.58 -9.74
C LEU A 148 -11.38 -4.57 -10.04
N ASP A 149 -11.09 -5.53 -10.91
CA ASP A 149 -12.03 -6.55 -11.34
C ASP A 149 -11.24 -7.83 -11.51
N ARG A 150 -11.71 -8.93 -10.92
CA ARG A 150 -10.99 -10.19 -11.05
C ARG A 150 -11.58 -11.13 -12.09
N ASN A 151 -12.63 -10.70 -12.78
CA ASN A 151 -13.28 -11.52 -13.79
C ASN A 151 -12.98 -11.01 -15.19
N VAL A 152 -11.75 -10.59 -15.41
CA VAL A 152 -11.34 -10.07 -16.72
C VAL A 152 -10.04 -10.71 -17.21
N PRO A 153 -9.76 -10.59 -18.51
CA PRO A 153 -8.54 -11.18 -19.06
C PRO A 153 -7.32 -10.92 -18.18
N LYS A 154 -6.92 -9.65 -18.11
CA LYS A 154 -5.77 -9.25 -17.31
C LYS A 154 -6.22 -8.22 -16.28
N PRO A 155 -6.61 -8.69 -15.08
CA PRO A 155 -7.08 -7.81 -14.00
C PRO A 155 -6.14 -6.67 -13.64
N ARG A 156 -6.70 -5.49 -13.38
CA ARG A 156 -5.91 -4.32 -13.02
C ARG A 156 -5.67 -4.24 -11.52
N ILE A 157 -4.46 -3.84 -11.13
CA ILE A 157 -4.18 -3.72 -9.71
C ILE A 157 -4.17 -2.25 -9.27
N LYS A 158 -4.71 -2.01 -8.09
CA LYS A 158 -4.79 -0.68 -7.52
C LYS A 158 -4.14 -0.66 -6.14
N ILE A 159 -3.33 0.36 -5.90
CA ILE A 159 -2.68 0.52 -4.62
C ILE A 159 -3.67 1.31 -3.77
N ILE A 160 -3.99 0.81 -2.58
CA ILE A 160 -4.91 1.49 -1.68
C ILE A 160 -4.22 1.88 -0.39
N ASP A 161 -5.01 2.45 0.51
CA ASP A 161 -4.58 2.89 1.85
C ASP A 161 -3.45 3.90 1.90
N PHE A 162 -3.83 5.16 1.89
CA PHE A 162 -2.84 6.22 1.95
C PHE A 162 -2.72 6.84 3.35
N GLY A 163 -3.16 6.07 4.35
CA GLY A 163 -3.12 6.54 5.73
C GLY A 163 -1.73 6.86 6.27
N LEU A 164 -0.72 6.26 5.66
CA LEU A 164 0.64 6.51 6.10
C LEU A 164 1.40 7.36 5.10
N ALA A 165 0.82 7.56 3.92
CA ALA A 165 1.43 8.34 2.85
C ALA A 165 1.87 9.73 3.30
N HIS A 166 2.98 10.20 2.74
CA HIS A 166 3.48 11.52 3.08
C HIS A 166 4.06 12.22 1.87
N LYS A 167 4.03 13.55 1.93
CA LYS A 167 4.57 14.37 0.85
C LYS A 167 5.98 14.71 1.26
N ILE A 168 6.93 13.98 0.70
CA ILE A 168 8.34 14.17 0.98
C ILE A 168 8.84 15.48 0.41
N ASP A 169 9.10 16.45 1.30
CA ASP A 169 9.58 17.73 0.84
C ASP A 169 10.95 18.10 1.41
N PHE A 170 11.75 18.73 0.56
CA PHE A 170 13.09 19.15 0.89
C PHE A 170 13.02 20.03 2.13
N GLY A 171 14.19 20.29 2.73
CA GLY A 171 14.22 21.16 3.90
C GLY A 171 14.10 20.51 5.26
N ASN A 172 13.23 19.52 5.39
CA ASN A 172 13.06 18.84 6.68
C ASN A 172 12.98 17.33 6.59
N GLU A 173 13.81 16.67 7.40
CA GLU A 173 13.84 15.22 7.44
C GLU A 173 12.59 14.71 8.15
N PHE A 174 12.30 13.43 7.97
CA PHE A 174 11.16 12.80 8.62
C PHE A 174 11.71 11.57 9.34
N LYS A 175 11.38 11.43 10.63
CA LYS A 175 11.90 10.33 11.44
C LYS A 175 11.12 9.01 11.47
N ASN A 176 9.84 9.04 11.82
CA ASN A 176 9.10 7.79 11.85
C ASN A 176 7.59 7.83 11.74
N ILE A 177 7.05 6.75 11.17
CA ILE A 177 5.62 6.52 10.96
C ILE A 177 5.54 5.19 10.21
N PHE A 178 4.86 4.20 10.81
CA PHE A 178 4.75 2.90 10.13
C PHE A 178 3.71 1.91 10.61
N GLY A 179 3.74 0.75 9.98
CA GLY A 179 2.82 -0.31 10.33
C GLY A 179 3.55 -1.62 10.46
N THR A 180 3.03 -2.63 9.77
CA THR A 180 3.57 -3.98 9.79
C THR A 180 5.08 -4.12 9.65
N PRO A 181 5.76 -4.56 10.72
CA PRO A 181 7.21 -4.74 10.76
C PRO A 181 7.74 -5.58 9.61
N GLU A 182 7.07 -6.71 9.38
CA GLU A 182 7.45 -7.61 8.31
C GLU A 182 7.68 -6.94 6.96
N PHE A 183 7.08 -5.76 6.74
CA PHE A 183 7.23 -5.09 5.46
C PHE A 183 7.93 -3.74 5.47
N VAL A 184 8.29 -3.23 6.64
CA VAL A 184 8.96 -1.94 6.69
C VAL A 184 10.46 -2.05 6.49
N ALA A 185 11.06 -0.95 6.06
CA ALA A 185 12.48 -0.91 5.82
C ALA A 185 13.25 -0.61 7.10
N PRO A 186 14.54 -0.93 7.10
CA PRO A 186 15.37 -0.68 8.28
C PRO A 186 15.34 0.77 8.77
N GLU A 187 15.21 1.72 7.86
CA GLU A 187 15.18 3.14 8.25
C GLU A 187 14.04 3.35 9.24
N ILE A 188 12.92 2.69 8.97
CA ILE A 188 11.76 2.81 9.80
C ILE A 188 11.97 2.12 11.14
N VAL A 189 12.67 1.00 11.12
CA VAL A 189 12.92 0.26 12.35
C VAL A 189 13.87 1.00 13.29
N ASN A 190 14.89 1.63 12.74
CA ASN A 190 15.88 2.35 13.53
C ASN A 190 15.55 3.85 13.62
N TYR A 191 14.30 4.19 13.36
CA TYR A 191 13.87 5.58 13.42
C TYR A 191 14.89 6.54 12.81
N GLU A 192 15.33 6.22 11.60
CA GLU A 192 16.28 7.07 10.87
C GLU A 192 15.51 7.83 9.80
N PRO A 193 16.11 8.90 9.24
CA PRO A 193 15.40 9.67 8.21
C PRO A 193 14.79 8.81 7.10
N LEU A 194 13.55 9.14 6.73
CA LEU A 194 12.82 8.41 5.71
C LEU A 194 12.69 9.17 4.41
N GLY A 195 12.30 8.44 3.37
CA GLY A 195 12.12 9.03 2.06
C GLY A 195 11.47 8.01 1.14
N LEU A 196 11.53 8.26 -0.17
CA LEU A 196 10.93 7.36 -1.14
C LEU A 196 11.61 5.97 -1.14
N GLU A 197 12.81 5.89 -0.57
CA GLU A 197 13.53 4.63 -0.55
C GLU A 197 12.75 3.53 0.20
N ALA A 198 12.09 3.90 1.30
CA ALA A 198 11.34 2.92 2.09
C ALA A 198 10.35 2.14 1.24
N ASP A 199 9.66 2.83 0.34
CA ASP A 199 8.69 2.17 -0.55
C ASP A 199 9.39 1.13 -1.43
N MET A 200 10.59 1.48 -1.90
CA MET A 200 11.33 0.55 -2.75
C MET A 200 11.66 -0.73 -1.97
N TRP A 201 12.02 -0.56 -0.71
CA TRP A 201 12.31 -1.71 0.14
C TRP A 201 11.10 -2.64 0.16
N SER A 202 9.93 -2.08 0.48
CA SER A 202 8.69 -2.85 0.54
C SER A 202 8.43 -3.56 -0.78
N ILE A 203 8.74 -2.87 -1.87
CA ILE A 203 8.52 -3.49 -3.17
C ILE A 203 9.34 -4.78 -3.25
N GLY A 204 10.60 -4.71 -2.83
CA GLY A 204 11.44 -5.89 -2.84
C GLY A 204 10.83 -6.99 -2.00
N VAL A 205 10.26 -6.62 -0.86
CA VAL A 205 9.66 -7.61 0.01
C VAL A 205 8.43 -8.21 -0.67
N ILE A 206 7.63 -7.37 -1.30
CA ILE A 206 6.45 -7.86 -1.99
C ILE A 206 6.79 -8.78 -3.15
N THR A 207 7.82 -8.46 -3.94
CA THR A 207 8.14 -9.32 -5.06
C THR A 207 8.63 -10.67 -4.54
N TYR A 208 9.42 -10.62 -3.49
CA TYR A 208 9.94 -11.84 -2.89
C TYR A 208 8.78 -12.79 -2.52
N ILE A 209 7.71 -12.25 -1.94
CA ILE A 209 6.56 -13.06 -1.55
C ILE A 209 5.78 -13.48 -2.79
N LEU A 210 5.70 -12.56 -3.73
CA LEU A 210 5.01 -12.82 -4.98
C LEU A 210 5.61 -14.05 -5.66
N LEU A 211 6.94 -14.15 -5.63
CA LEU A 211 7.61 -15.27 -6.28
C LEU A 211 7.69 -16.58 -5.47
N SER A 212 8.08 -16.49 -4.20
CA SER A 212 8.22 -17.68 -3.37
C SER A 212 6.98 -17.97 -2.52
N GLY A 213 6.20 -16.94 -2.24
CA GLY A 213 5.02 -17.15 -1.43
C GLY A 213 5.42 -17.16 0.04
N ALA A 214 6.71 -16.92 0.29
CA ALA A 214 7.24 -16.88 1.65
C ALA A 214 7.80 -15.49 1.96
N SER A 215 7.63 -15.04 3.20
CA SER A 215 8.14 -13.72 3.62
C SER A 215 9.64 -13.83 3.87
N PRO A 216 10.40 -12.80 3.47
CA PRO A 216 11.86 -12.81 3.65
C PRO A 216 12.38 -12.43 5.05
N PHE A 217 11.57 -11.71 5.82
CA PHE A 217 11.99 -11.26 7.15
C PHE A 217 11.09 -11.66 8.32
N LEU A 218 9.91 -12.19 8.02
CA LEU A 218 8.96 -12.61 9.06
C LEU A 218 9.55 -13.65 10.01
N GLY A 219 9.67 -13.28 11.28
CA GLY A 219 10.21 -14.19 12.27
C GLY A 219 9.16 -14.74 13.22
N ASP A 220 9.62 -15.40 14.28
CA ASP A 220 8.73 -15.98 15.27
C ASP A 220 8.07 -14.88 16.09
N THR A 221 8.86 -13.94 16.60
CA THR A 221 8.34 -12.85 17.39
C THR A 221 8.58 -11.52 16.70
N LYS A 222 7.76 -10.53 17.03
CA LYS A 222 7.87 -9.20 16.45
C LYS A 222 9.31 -8.70 16.50
N GLN A 223 9.93 -8.85 17.66
CA GLN A 223 11.31 -8.43 17.86
C GLN A 223 12.22 -9.10 16.85
N GLU A 224 11.99 -10.39 16.61
CA GLU A 224 12.84 -11.11 15.67
C GLU A 224 12.74 -10.55 14.25
N THR A 225 11.52 -10.21 13.85
CA THR A 225 11.29 -9.64 12.52
C THR A 225 12.05 -8.32 12.42
N LEU A 226 11.80 -7.42 13.36
CA LEU A 226 12.47 -6.13 13.37
C LEU A 226 13.98 -6.29 13.33
N ALA A 227 14.47 -7.35 13.95
CA ALA A 227 15.92 -7.61 13.96
C ALA A 227 16.34 -8.20 12.62
N ASN A 228 15.48 -9.02 12.02
CA ASN A 228 15.79 -9.61 10.72
C ASN A 228 15.89 -8.48 9.71
N VAL A 229 14.90 -7.61 9.72
CA VAL A 229 14.87 -6.48 8.79
C VAL A 229 16.08 -5.56 8.97
N SER A 230 16.38 -5.20 10.21
CA SER A 230 17.49 -4.31 10.51
C SER A 230 18.84 -4.91 10.12
N ALA A 231 19.00 -6.19 10.41
CA ALA A 231 20.23 -6.90 10.08
C ALA A 231 20.20 -7.22 8.60
N VAL A 232 19.07 -6.89 7.97
CA VAL A 232 18.85 -7.13 6.55
C VAL A 232 19.30 -8.54 6.20
N ASN A 233 18.96 -9.50 7.05
CA ASN A 233 19.35 -10.87 6.75
C ASN A 233 18.15 -11.66 6.27
N TYR A 234 18.31 -12.28 5.10
CA TYR A 234 17.27 -13.10 4.48
C TYR A 234 18.02 -14.03 3.52
N GLU A 235 17.32 -15.00 2.95
CA GLU A 235 17.97 -15.90 2.02
C GLU A 235 17.02 -16.47 0.99
N PHE A 236 17.57 -16.88 -0.15
CA PHE A 236 16.80 -17.46 -1.22
C PHE A 236 16.89 -18.98 -1.10
N GLU A 237 16.39 -19.51 0.00
CA GLU A 237 16.45 -20.95 0.21
C GLU A 237 15.90 -21.72 -0.99
N ASP A 238 16.72 -22.65 -1.51
CA ASP A 238 16.35 -23.45 -2.67
C ASP A 238 14.94 -24.03 -2.58
N GLU A 239 14.45 -24.21 -1.36
CA GLU A 239 13.12 -24.76 -1.17
C GLU A 239 12.05 -23.92 -1.83
N TYR A 240 12.25 -22.61 -1.86
CA TYR A 240 11.26 -21.72 -2.44
C TYR A 240 11.74 -21.03 -3.72
N PHE A 241 13.04 -20.77 -3.80
CA PHE A 241 13.60 -20.09 -4.96
C PHE A 241 14.38 -20.97 -5.91
N SER A 242 13.95 -22.23 -6.04
CA SER A 242 14.61 -23.17 -6.93
C SER A 242 14.30 -22.82 -8.39
N ASN A 243 13.04 -22.46 -8.67
CA ASN A 243 12.62 -22.10 -10.04
C ASN A 243 12.58 -20.58 -10.24
N THR A 244 13.44 -19.88 -9.52
CA THR A 244 13.48 -18.42 -9.63
C THR A 244 14.73 -17.99 -10.36
N SER A 245 14.53 -17.24 -11.44
CA SER A 245 15.63 -16.76 -12.27
C SER A 245 16.66 -15.99 -11.47
N ALA A 246 17.83 -15.83 -12.08
CA ALA A 246 18.92 -15.09 -11.46
C ALA A 246 18.55 -13.62 -11.50
N LEU A 247 17.90 -13.20 -12.58
CA LEU A 247 17.50 -11.82 -12.71
C LEU A 247 16.49 -11.45 -11.64
N ALA A 248 15.58 -12.38 -11.34
CA ALA A 248 14.58 -12.14 -10.32
C ALA A 248 15.26 -11.86 -8.97
N LYS A 249 16.19 -12.74 -8.61
CA LYS A 249 16.89 -12.58 -7.34
C LYS A 249 17.70 -11.29 -7.30
N ASP A 250 18.33 -10.94 -8.40
CA ASP A 250 19.15 -9.73 -8.44
C ASP A 250 18.33 -8.47 -8.23
N PHE A 251 17.08 -8.52 -8.68
CA PHE A 251 16.14 -7.40 -8.56
C PHE A 251 15.85 -7.24 -7.08
N ILE A 252 15.43 -8.32 -6.45
CA ILE A 252 15.12 -8.33 -5.03
C ILE A 252 16.32 -7.88 -4.21
N ARG A 253 17.51 -8.31 -4.61
CA ARG A 253 18.74 -7.94 -3.90
C ARG A 253 19.00 -6.45 -3.98
N ARG A 254 18.79 -5.86 -5.15
CA ARG A 254 19.04 -4.44 -5.33
C ARG A 254 18.03 -3.56 -4.60
N LEU A 255 16.98 -4.17 -4.06
CA LEU A 255 15.95 -3.45 -3.32
C LEU A 255 16.09 -3.68 -1.81
N LEU A 256 16.43 -4.91 -1.42
CA LEU A 256 16.60 -5.24 -0.01
C LEU A 256 17.99 -4.83 0.44
N VAL A 257 18.27 -3.53 0.35
CA VAL A 257 19.57 -3.01 0.75
C VAL A 257 19.39 -2.10 1.96
N LYS A 258 20.22 -2.28 2.99
CA LYS A 258 20.09 -1.47 4.18
C LYS A 258 20.22 0.04 3.91
N ASP A 259 21.33 0.45 3.29
CA ASP A 259 21.57 1.86 2.97
C ASP A 259 20.62 2.30 1.87
N PRO A 260 19.69 3.23 2.18
CA PRO A 260 18.69 3.78 1.26
C PRO A 260 19.34 4.33 0.00
N LYS A 261 20.37 5.16 0.17
CA LYS A 261 21.04 5.76 -0.97
C LYS A 261 21.69 4.76 -1.91
N LYS A 262 21.73 3.49 -1.51
CA LYS A 262 22.34 2.47 -2.35
C LYS A 262 21.27 1.59 -2.97
N ARG A 263 20.07 1.67 -2.41
CA ARG A 263 18.93 0.89 -2.86
C ARG A 263 18.48 1.38 -4.25
N MET A 264 17.86 0.50 -5.01
CA MET A 264 17.37 0.83 -6.35
C MET A 264 16.22 1.81 -6.23
N THR A 265 16.24 2.85 -7.06
CA THR A 265 15.15 3.81 -7.09
C THR A 265 14.06 3.21 -7.96
N ILE A 266 12.86 3.79 -7.93
CA ILE A 266 11.77 3.27 -8.72
C ILE A 266 12.10 3.38 -10.21
N GLN A 267 12.82 4.45 -10.59
CA GLN A 267 13.20 4.64 -11.99
C GLN A 267 14.13 3.49 -12.39
N ASP A 268 15.07 3.17 -11.53
CA ASP A 268 16.00 2.07 -11.80
C ASP A 268 15.29 0.74 -11.97
N SER A 269 14.35 0.47 -11.07
CA SER A 269 13.63 -0.80 -11.11
C SER A 269 12.91 -0.99 -12.43
N LEU A 270 12.31 0.09 -12.93
CA LEU A 270 11.61 0.01 -14.21
C LEU A 270 12.57 -0.31 -15.34
N GLN A 271 13.82 0.08 -15.16
CA GLN A 271 14.85 -0.14 -16.15
C GLN A 271 15.66 -1.42 -15.90
N HIS A 272 15.41 -2.09 -14.80
CA HIS A 272 16.14 -3.33 -14.49
C HIS A 272 15.87 -4.39 -15.56
N PRO A 273 16.88 -5.18 -15.93
CA PRO A 273 16.72 -6.23 -16.95
C PRO A 273 15.62 -7.25 -16.68
N TRP A 274 15.29 -7.47 -15.42
CA TRP A 274 14.25 -8.43 -15.06
C TRP A 274 12.89 -7.89 -15.50
N ILE A 275 12.77 -6.57 -15.50
CA ILE A 275 11.55 -5.87 -15.91
C ILE A 275 11.72 -5.49 -17.39
N LYS A 276 12.99 -5.31 -17.79
CA LYS A 276 13.39 -4.97 -19.16
C LYS A 276 12.85 -3.63 -19.61
#